data_6QCC
#
_entry.id   6QCC
#
_cell.length_a   1
_cell.length_b   1
_cell.length_c   1
_cell.angle_alpha   90
_cell.angle_beta   90
_cell.angle_gamma   90
#
_symmetry.space_group_name_H-M   'P 1'
#
loop_
_entity.id
_entity.type
_entity.pdbx_description
1 polymer 'Large coat-protein subunit'
2 polymer 'Small coat-protein subunit'
#
loop_
_entity_poly.entity_id
_entity_poly.type
_entity_poly.pdbx_seq_one_letter_code
_entity_poly.pdbx_strand_id
1 'polypeptide(L)'
;MDVDLFKLSLDDTSSVKGSLLDTRFAQVRVVIPKAMAGGNELLNSNLYDILVVDNNFRAAAALAHTHIIEGQIKCVCTIN
LPENTGCCLALCVNSSNRGQFSTDIYTIGSQDRMLWNPACSKNSTFTFNPNPCGTGWSLEFLRRTKFHISVVCVSGWSAQ
PQTDLVMTMDFFVANVPCVPRIYNLGSPGQTLWLNRWMGKLSFGQGVSNDIKSMPLAIGGGAGAKDSILMNMTNAYLSLW
RYFHGDLVFEVNKMSSPYIKSTVTFFIGFGGVSFQPELEDFPNKLVQFSEVQEKIELKFTRAEFLTAWSTQVDPAAQLAN
DGCPYLYAMVHDSTASTIVGDFNLGVTLTRIENFAGIGCNPGIQGARLLGSAIATPQ
;
A
2 'polypeptide(L)'
;NAVVRSSPGIYSNCFSLRAPLKPDGPKSFTCDLMGGGVVTDGDTGWQVTVRNTPVSNLLRTAAWKRGTVHVQVVLAGASV
KRSDWDSTVQIFLRQSMATSSYDAKIWDICQPGAAMLEFSFDVVGPNSGFEMWDSNWASQTSWFLEFLISNPAQNTLFEV
NLRLDENFSVAGTTLMPPFVLDRVSVARPLLGKQTKTVARSARVVRETKEASESP
;
B
#
# COMPACT_ATOMS: atom_id res chain seq x y z
N MET A 1 -45.18 -28.66 34.64
CA MET A 1 -43.91 -28.58 33.92
C MET A 1 -43.18 -27.29 34.24
N ASP A 2 -41.91 -27.41 34.65
CA ASP A 2 -41.10 -26.25 34.96
C ASP A 2 -39.64 -26.65 34.78
N VAL A 3 -38.98 -26.08 33.78
CA VAL A 3 -37.58 -26.33 33.53
C VAL A 3 -36.80 -25.05 33.84
N ASP A 4 -35.50 -25.21 34.08
CA ASP A 4 -34.62 -24.09 34.40
C ASP A 4 -34.08 -23.51 33.10
N LEU A 5 -34.42 -22.25 32.82
CA LEU A 5 -33.99 -21.61 31.59
C LEU A 5 -32.52 -21.24 31.60
N PHE A 6 -31.89 -21.20 32.77
CA PHE A 6 -30.48 -20.85 32.87
C PHE A 6 -29.56 -21.99 32.45
N LYS A 7 -30.07 -23.21 32.33
CA LYS A 7 -29.29 -24.36 31.91
C LYS A 7 -29.45 -24.69 30.43
N LEU A 8 -30.15 -23.83 29.68
CA LEU A 8 -30.30 -24.06 28.25
C LEU A 8 -29.02 -23.66 27.52
N SER A 9 -28.90 -24.14 26.28
CA SER A 9 -27.71 -23.90 25.47
C SER A 9 -27.90 -22.67 24.58
N LEU A 10 -28.17 -21.54 25.23
CA LEU A 10 -28.30 -20.25 24.56
C LEU A 10 -27.03 -19.42 24.66
N ASP A 11 -25.90 -20.05 24.97
CA ASP A 11 -24.63 -19.35 25.12
C ASP A 11 -23.55 -19.95 24.24
N ASP A 12 -23.94 -20.49 23.09
CA ASP A 12 -22.98 -21.11 22.17
C ASP A 12 -22.19 -20.02 21.46
N THR A 13 -20.92 -19.87 21.84
CA THR A 13 -20.03 -18.88 21.25
C THR A 13 -19.13 -19.50 20.17
N SER A 14 -19.62 -20.51 19.48
CA SER A 14 -18.84 -21.17 18.43
C SER A 14 -19.04 -20.45 17.10
N SER A 15 -18.01 -20.51 16.26
CA SER A 15 -18.07 -19.88 14.95
C SER A 15 -18.90 -20.72 13.98
N VAL A 16 -19.19 -20.14 12.83
CA VAL A 16 -19.99 -20.81 11.81
C VAL A 16 -19.10 -21.77 11.04
N LYS A 17 -19.56 -23.01 10.87
CA LYS A 17 -18.80 -24.02 10.18
C LYS A 17 -19.75 -25.06 9.60
N GLY A 18 -19.30 -25.74 8.55
CA GLY A 18 -20.10 -26.75 7.89
C GLY A 18 -19.68 -26.89 6.45
N SER A 19 -20.67 -27.17 5.60
CA SER A 19 -20.44 -27.27 4.17
C SER A 19 -20.46 -25.90 3.53
N LEU A 20 -20.28 -25.85 2.20
CA LEU A 20 -20.32 -24.57 1.50
C LEU A 20 -21.73 -24.01 1.38
N LEU A 21 -22.75 -24.86 1.49
CA LEU A 21 -24.12 -24.38 1.48
C LEU A 21 -24.49 -23.73 2.81
N ASP A 22 -23.94 -24.23 3.91
CA ASP A 22 -24.26 -23.74 5.24
C ASP A 22 -23.34 -22.61 5.69
N THR A 23 -22.39 -22.19 4.86
CA THR A 23 -21.44 -21.16 5.24
C THR A 23 -21.46 -19.94 4.33
N ARG A 24 -22.26 -19.94 3.28
CA ARG A 24 -22.38 -18.76 2.43
C ARG A 24 -23.22 -17.70 3.13
N PHE A 25 -22.79 -16.44 3.02
CA PHE A 25 -23.50 -15.34 3.65
C PHE A 25 -23.79 -14.17 2.74
N ALA A 26 -23.13 -14.05 1.58
CA ALA A 26 -23.37 -12.94 0.69
C ALA A 26 -23.11 -13.37 -0.75
N GLN A 27 -23.83 -12.74 -1.66
CA GLN A 27 -23.68 -13.01 -3.08
C GLN A 27 -23.96 -11.73 -3.84
N VAL A 28 -22.96 -11.20 -4.54
CA VAL A 28 -23.05 -9.92 -5.20
C VAL A 28 -22.66 -10.09 -6.66
N ARG A 29 -23.48 -9.55 -7.56
CA ARG A 29 -23.21 -9.57 -8.98
C ARG A 29 -22.96 -8.15 -9.47
N VAL A 30 -21.97 -7.99 -10.34
CA VAL A 30 -21.56 -6.70 -10.86
C VAL A 30 -21.67 -6.71 -12.37
N VAL A 31 -22.05 -5.56 -12.93
CA VAL A 31 -22.29 -5.44 -14.37
C VAL A 31 -20.99 -5.04 -15.04
N ILE A 32 -20.48 -5.91 -15.90
CA ILE A 32 -19.33 -5.59 -16.75
C ILE A 32 -19.86 -5.03 -18.05
N PRO A 33 -19.47 -3.82 -18.44
CA PRO A 33 -20.07 -3.20 -19.64
C PRO A 33 -19.55 -3.83 -20.92
N LYS A 34 -20.24 -3.49 -22.01
CA LYS A 34 -19.90 -4.05 -23.32
C LYS A 34 -18.60 -3.45 -23.86
N ALA A 35 -18.43 -2.14 -23.72
CA ALA A 35 -17.27 -1.43 -24.24
C ALA A 35 -16.56 -0.76 -23.06
N MET A 36 -15.59 -1.47 -22.49
CA MET A 36 -14.80 -0.94 -21.39
C MET A 36 -13.33 -0.81 -21.81
N ALA A 37 -12.63 0.09 -21.15
CA ALA A 37 -11.21 0.35 -21.39
C ALA A 37 -10.40 -0.25 -20.24
N GLY A 38 -9.10 0.02 -20.26
CA GLY A 38 -8.24 -0.45 -19.20
C GLY A 38 -7.97 0.60 -18.14
N GLY A 39 -8.39 0.34 -16.90
CA GLY A 39 -8.16 1.24 -15.79
C GLY A 39 -9.41 1.72 -15.09
N ASN A 40 -10.58 1.62 -15.73
CA ASN A 40 -11.81 2.06 -15.10
C ASN A 40 -12.28 1.03 -14.08
N GLU A 41 -12.91 1.51 -13.02
CA GLU A 41 -13.35 0.65 -11.94
C GLU A 41 -14.78 0.16 -12.18
N LEU A 42 -15.01 -1.11 -11.88
CA LEU A 42 -16.35 -1.68 -11.98
C LEU A 42 -17.08 -1.65 -10.64
N LEU A 43 -16.35 -1.75 -9.54
CA LEU A 43 -16.96 -1.71 -8.21
C LEU A 43 -15.93 -1.21 -7.21
N ASN A 44 -16.34 -0.32 -6.32
CA ASN A 44 -15.50 0.09 -5.20
C ASN A 44 -16.39 0.52 -4.04
N SER A 45 -16.41 -0.28 -2.98
CA SER A 45 -17.26 0.03 -1.84
C SER A 45 -16.72 -0.69 -0.61
N ASN A 46 -17.24 -0.32 0.55
CA ASN A 46 -16.93 -1.05 1.76
C ASN A 46 -17.65 -2.40 1.74
N LEU A 47 -17.07 -3.37 2.46
CA LEU A 47 -17.62 -4.71 2.45
C LEU A 47 -18.94 -4.78 3.22
N TYR A 48 -19.08 -3.98 4.27
CA TYR A 48 -20.33 -3.93 5.02
C TYR A 48 -21.43 -3.25 4.22
N ASP A 49 -21.06 -2.35 3.30
CA ASP A 49 -22.07 -1.64 2.52
C ASP A 49 -22.72 -2.53 1.47
N ILE A 50 -22.13 -3.68 1.14
CA ILE A 50 -22.71 -4.62 0.20
C ILE A 50 -23.02 -5.97 0.83
N LEU A 51 -22.60 -6.21 2.08
CA LEU A 51 -22.87 -7.49 2.71
C LEU A 51 -24.21 -7.55 3.43
N VAL A 52 -24.88 -6.41 3.63
CA VAL A 52 -26.15 -6.37 4.33
C VAL A 52 -27.31 -5.91 3.46
N VAL A 53 -27.07 -5.68 2.17
CA VAL A 53 -28.11 -5.20 1.27
C VAL A 53 -28.65 -6.40 0.50
N ASP A 54 -29.83 -6.87 0.91
CA ASP A 54 -30.63 -7.89 0.22
C ASP A 54 -29.88 -9.22 0.10
N ASN A 55 -29.16 -9.60 1.16
CA ASN A 55 -28.43 -10.86 1.22
C ASN A 55 -28.94 -11.65 2.42
N ASN A 56 -29.88 -12.53 2.17
CA ASN A 56 -30.49 -13.36 3.21
C ASN A 56 -30.25 -14.82 2.84
N PHE A 57 -29.15 -15.38 3.34
CA PHE A 57 -28.73 -16.73 3.02
C PHE A 57 -28.72 -17.57 4.30
N ARG A 58 -28.17 -18.79 4.19
CA ARG A 58 -28.24 -19.75 5.29
C ARG A 58 -27.36 -19.34 6.46
N ALA A 59 -26.28 -18.61 6.22
CA ALA A 59 -25.38 -18.17 7.26
C ALA A 59 -25.29 -16.64 7.30
N ALA A 60 -26.42 -15.97 7.07
CA ALA A 60 -26.44 -14.51 7.07
C ALA A 60 -26.67 -13.95 8.46
N ALA A 61 -27.77 -14.35 9.11
CA ALA A 61 -28.04 -13.88 10.46
C ALA A 61 -27.08 -14.48 11.47
N ALA A 62 -26.60 -15.71 11.22
CA ALA A 62 -25.59 -16.31 12.07
C ALA A 62 -24.26 -15.58 11.96
N LEU A 63 -23.97 -14.98 10.82
CA LEU A 63 -22.78 -14.14 10.69
C LEU A 63 -23.01 -12.77 11.30
N ALA A 64 -24.23 -12.24 11.17
CA ALA A 64 -24.53 -10.93 11.74
C ALA A 64 -24.63 -10.94 13.25
N HIS A 65 -24.81 -12.11 13.86
CA HIS A 65 -24.91 -12.19 15.31
C HIS A 65 -23.86 -13.11 15.91
N THR A 66 -22.61 -12.99 15.46
CA THR A 66 -21.49 -13.74 16.00
C THR A 66 -20.37 -12.76 16.32
N HIS A 67 -19.81 -12.87 17.52
CA HIS A 67 -18.81 -11.90 17.97
C HIS A 67 -17.43 -12.21 17.43
N ILE A 68 -17.06 -13.50 17.32
CA ILE A 68 -15.74 -13.89 16.85
C ILE A 68 -15.90 -14.99 15.81
N ILE A 69 -15.37 -14.77 14.61
CA ILE A 69 -15.36 -15.76 13.55
C ILE A 69 -13.91 -16.13 13.27
N GLU A 70 -13.59 -17.43 13.34
CA GLU A 70 -12.22 -17.91 13.24
C GLU A 70 -11.96 -18.63 11.91
N GLY A 71 -12.53 -18.13 10.83
CA GLY A 71 -12.31 -18.70 9.52
C GLY A 71 -12.06 -17.63 8.49
N GLN A 72 -11.23 -17.97 7.52
CA GLN A 72 -10.91 -17.01 6.46
C GLN A 72 -12.01 -16.99 5.41
N ILE A 73 -12.20 -15.82 4.81
CA ILE A 73 -13.26 -15.64 3.81
C ILE A 73 -12.79 -16.21 2.48
N LYS A 74 -13.59 -17.11 1.91
CA LYS A 74 -13.34 -17.69 0.60
C LYS A 74 -14.29 -17.06 -0.42
N CYS A 75 -13.74 -16.52 -1.50
CA CYS A 75 -14.53 -15.88 -2.53
C CYS A 75 -14.33 -16.61 -3.86
N VAL A 76 -15.44 -16.87 -4.54
CA VAL A 76 -15.45 -17.60 -5.81
C VAL A 76 -16.15 -16.72 -6.84
N CYS A 77 -15.40 -16.25 -7.83
CA CYS A 77 -15.98 -15.51 -8.95
C CYS A 77 -16.10 -16.43 -10.15
N THR A 78 -17.25 -16.37 -10.82
CA THR A 78 -17.54 -17.25 -11.95
C THR A 78 -18.00 -16.40 -13.13
N ILE A 79 -17.16 -16.31 -14.15
CA ILE A 79 -17.51 -15.68 -15.42
C ILE A 79 -16.65 -16.33 -16.50
N ASN A 80 -17.28 -16.77 -17.58
CA ASN A 80 -16.59 -17.49 -18.64
C ASN A 80 -16.86 -16.82 -19.98
N LEU A 81 -15.89 -16.96 -20.89
CA LEU A 81 -15.93 -16.30 -22.19
C LEU A 81 -15.22 -17.19 -23.20
N PRO A 82 -15.59 -17.11 -24.48
CA PRO A 82 -14.90 -17.92 -25.50
C PRO A 82 -13.49 -17.41 -25.76
N GLU A 83 -12.76 -18.19 -26.57
CA GLU A 83 -11.34 -17.97 -26.76
C GLU A 83 -11.02 -16.93 -27.84
N ASN A 84 -12.02 -16.41 -28.55
CA ASN A 84 -11.79 -15.37 -29.55
C ASN A 84 -11.92 -13.97 -28.97
N THR A 85 -11.85 -13.83 -27.65
CA THR A 85 -11.85 -12.54 -26.98
C THR A 85 -10.98 -12.65 -25.74
N GLY A 86 -10.85 -11.55 -25.01
CA GLY A 86 -10.03 -11.58 -23.81
C GLY A 86 -9.94 -10.24 -23.10
N CYS A 87 -9.85 -10.29 -21.78
CA CYS A 87 -9.68 -9.11 -20.94
C CYS A 87 -8.88 -9.54 -19.73
N CYS A 88 -8.89 -8.70 -18.69
CA CYS A 88 -8.26 -9.09 -17.43
C CYS A 88 -8.97 -8.39 -16.28
N LEU A 89 -9.42 -9.16 -15.30
CA LEU A 89 -10.15 -8.65 -14.16
C LEU A 89 -9.36 -8.88 -12.88
N ALA A 90 -9.35 -7.86 -12.02
CA ALA A 90 -8.62 -7.92 -10.75
C ALA A 90 -9.57 -7.59 -9.62
N LEU A 91 -9.66 -8.48 -8.65
CA LEU A 91 -10.41 -8.25 -7.42
C LEU A 91 -9.41 -8.04 -6.30
N CYS A 92 -9.41 -6.84 -5.72
CA CYS A 92 -8.44 -6.47 -4.71
C CYS A 92 -9.16 -6.05 -3.43
N VAL A 93 -8.59 -6.42 -2.29
CA VAL A 93 -9.18 -6.11 -0.99
C VAL A 93 -8.14 -5.37 -0.16
N ASN A 94 -8.61 -4.47 0.69
CA ASN A 94 -7.73 -3.65 1.52
C ASN A 94 -8.29 -3.57 2.93
N SER A 95 -7.44 -3.12 3.85
CA SER A 95 -7.81 -3.10 5.26
C SER A 95 -8.56 -1.82 5.65
N SER A 96 -8.22 -0.69 5.05
CA SER A 96 -8.86 0.57 5.41
C SER A 96 -8.99 1.42 4.15
N ASN A 97 -9.41 2.67 4.35
CA ASN A 97 -9.78 3.55 3.25
C ASN A 97 -9.79 4.99 3.76
N ARG A 98 -9.34 5.91 2.92
CA ARG A 98 -9.35 7.34 3.23
C ARG A 98 -10.23 8.07 2.22
N GLY A 99 -10.20 9.40 2.28
CA GLY A 99 -11.08 10.22 1.45
C GLY A 99 -10.49 10.50 0.08
N GLN A 100 -11.28 10.19 -0.96
CA GLN A 100 -10.96 10.43 -2.37
C GLN A 100 -9.67 9.74 -2.79
N PHE A 101 -9.64 8.42 -2.61
CA PHE A 101 -8.46 7.62 -2.87
C PHE A 101 -8.29 7.39 -4.38
N SER A 102 -7.23 6.69 -4.75
CA SER A 102 -6.91 6.41 -6.13
C SER A 102 -7.21 4.95 -6.46
N THR A 103 -7.77 4.72 -7.63
CA THR A 103 -8.22 3.40 -8.06
C THR A 103 -7.26 2.74 -9.04
N ASP A 104 -5.96 2.97 -8.84
CA ASP A 104 -4.95 2.34 -9.68
C ASP A 104 -4.77 0.87 -9.29
N ILE A 105 -4.29 0.08 -10.26
CA ILE A 105 -4.01 -1.33 -9.99
C ILE A 105 -2.80 -1.47 -9.07
N TYR A 106 -1.85 -0.53 -9.17
CA TYR A 106 -0.66 -0.59 -8.31
C TYR A 106 -1.01 -0.32 -6.86
N THR A 107 -1.99 0.55 -6.61
CA THR A 107 -2.33 0.91 -5.23
C THR A 107 -3.14 -0.19 -4.55
N ILE A 108 -4.21 -0.65 -5.20
CA ILE A 108 -5.12 -1.56 -4.53
C ILE A 108 -4.63 -3.00 -4.54
N GLY A 109 -3.74 -3.37 -5.45
CA GLY A 109 -3.30 -4.74 -5.54
C GLY A 109 -2.06 -5.05 -4.74
N SER A 110 -2.11 -4.82 -3.44
CA SER A 110 -0.96 -5.03 -2.57
C SER A 110 -1.22 -6.06 -1.49
N GLN A 111 -2.34 -5.95 -0.77
CA GLN A 111 -2.57 -6.82 0.38
C GLN A 111 -3.13 -8.17 -0.05
N ASP A 112 -4.31 -8.17 -0.67
CA ASP A 112 -4.93 -9.38 -1.17
C ASP A 112 -5.52 -9.10 -2.54
N ARG A 113 -5.16 -9.93 -3.52
CA ARG A 113 -5.54 -9.68 -4.90
C ARG A 113 -5.72 -10.99 -5.64
N MET A 114 -6.71 -11.01 -6.52
CA MET A 114 -6.93 -12.14 -7.44
C MET A 114 -7.09 -11.55 -8.83
N LEU A 115 -6.11 -11.80 -9.70
CA LEU A 115 -6.07 -11.23 -11.03
C LEU A 115 -6.12 -12.37 -12.04
N TRP A 116 -7.15 -12.38 -12.89
CA TRP A 116 -7.33 -13.50 -13.79
C TRP A 116 -8.00 -13.04 -15.08
N ASN A 117 -7.88 -13.88 -16.10
CA ASN A 117 -8.49 -13.64 -17.40
C ASN A 117 -9.61 -14.63 -17.62
N PRO A 118 -10.85 -14.18 -17.83
CA PRO A 118 -11.98 -15.13 -17.92
C PRO A 118 -12.03 -15.93 -19.21
N ALA A 119 -11.27 -15.55 -20.23
CA ALA A 119 -11.22 -16.33 -21.46
C ALA A 119 -10.38 -17.60 -21.33
N CYS A 120 -9.57 -17.71 -20.29
CA CYS A 120 -8.76 -18.91 -20.06
C CYS A 120 -9.20 -19.69 -18.83
N SER A 121 -9.96 -19.10 -17.92
CA SER A 121 -10.39 -19.76 -16.70
C SER A 121 -11.91 -19.71 -16.61
N LYS A 122 -12.51 -20.82 -16.20
CA LYS A 122 -13.97 -20.85 -16.03
C LYS A 122 -14.39 -20.14 -14.77
N ASN A 123 -13.63 -20.29 -13.70
CA ASN A 123 -13.93 -19.66 -12.42
C ASN A 123 -12.64 -19.51 -11.63
N SER A 124 -12.59 -18.50 -10.77
CA SER A 124 -11.40 -18.22 -9.98
C SER A 124 -11.80 -18.00 -8.53
N THR A 125 -11.10 -18.65 -7.61
CA THR A 125 -11.36 -18.53 -6.19
C THR A 125 -10.11 -18.09 -5.45
N PHE A 126 -10.31 -17.36 -4.36
CA PHE A 126 -9.19 -16.97 -3.51
C PHE A 126 -9.68 -16.76 -2.08
N THR A 127 -8.74 -16.92 -1.15
CA THR A 127 -9.02 -16.84 0.27
C THR A 127 -8.19 -15.73 0.89
N PHE A 128 -8.79 -14.99 1.82
CA PHE A 128 -8.08 -13.89 2.46
C PHE A 128 -8.49 -13.78 3.92
N ASN A 129 -7.68 -13.06 4.69
CA ASN A 129 -7.93 -12.83 6.10
C ASN A 129 -8.26 -11.38 6.32
N PRO A 130 -9.44 -11.05 6.86
CA PRO A 130 -9.80 -9.64 7.05
C PRO A 130 -9.03 -8.95 8.16
N ASN A 131 -8.54 -9.69 9.15
CA ASN A 131 -7.76 -9.11 10.24
C ASN A 131 -6.30 -9.54 10.09
N PRO A 132 -5.42 -8.71 9.54
CA PRO A 132 -4.05 -9.15 9.27
C PRO A 132 -3.19 -9.24 10.51
N CYS A 133 -3.60 -8.67 11.63
CA CYS A 133 -2.80 -8.68 12.86
C CYS A 133 -3.44 -9.53 13.95
N GLY A 134 -4.48 -10.31 13.63
CA GLY A 134 -5.15 -11.12 14.61
C GLY A 134 -5.64 -12.42 13.99
N THR A 135 -6.31 -13.22 14.82
CA THR A 135 -6.81 -14.53 14.43
C THR A 135 -8.32 -14.60 14.56
N GLY A 136 -9.00 -13.56 14.12
CA GLY A 136 -10.45 -13.54 14.18
C GLY A 136 -10.98 -12.21 13.70
N TRP A 137 -12.25 -12.24 13.28
CA TRP A 137 -12.90 -11.06 12.74
C TRP A 137 -14.39 -11.15 13.01
N SER A 138 -15.11 -10.08 12.70
CA SER A 138 -16.55 -10.05 12.84
C SER A 138 -17.11 -9.05 11.84
N LEU A 139 -18.45 -9.02 11.75
CA LEU A 139 -19.10 -8.10 10.82
C LEU A 139 -19.05 -6.66 11.33
N GLU A 140 -19.15 -6.46 12.65
CA GLU A 140 -19.00 -5.13 13.22
C GLU A 140 -17.58 -4.61 13.07
N PHE A 141 -16.60 -5.52 13.08
CA PHE A 141 -15.20 -5.15 12.85
C PHE A 141 -15.02 -4.61 11.44
N LEU A 142 -15.63 -5.28 10.44
CA LEU A 142 -15.56 -4.79 9.07
C LEU A 142 -16.38 -3.52 8.88
N ARG A 143 -17.43 -3.34 9.69
CA ARG A 143 -18.21 -2.11 9.60
C ARG A 143 -17.43 -0.92 10.16
N ARG A 144 -16.74 -1.11 11.28
CA ARG A 144 -16.06 -0.01 11.95
C ARG A 144 -14.69 0.30 11.38
N THR A 145 -13.95 -0.70 10.89
CA THR A 145 -12.62 -0.44 10.38
C THR A 145 -12.61 -0.04 8.91
N LYS A 146 -13.78 0.08 8.28
CA LYS A 146 -13.96 0.50 6.88
C LYS A 146 -13.19 -0.40 5.92
N PHE A 147 -13.49 -1.69 5.98
CA PHE A 147 -12.84 -2.68 5.12
C PHE A 147 -13.34 -2.52 3.68
N HIS A 148 -12.44 -2.25 2.77
CA HIS A 148 -12.77 -1.89 1.40
C HIS A 148 -12.64 -3.10 0.47
N ILE A 149 -13.39 -3.04 -0.65
CA ILE A 149 -13.27 -4.02 -1.71
C ILE A 149 -13.51 -3.29 -3.03
N SER A 150 -12.83 -3.76 -4.08
CA SER A 150 -12.91 -3.11 -5.38
C SER A 150 -12.62 -4.13 -6.47
N VAL A 151 -13.45 -4.14 -7.50
CA VAL A 151 -13.23 -4.91 -8.72
C VAL A 151 -12.95 -3.91 -9.82
N VAL A 152 -11.78 -4.06 -10.45
CA VAL A 152 -11.29 -3.12 -11.46
C VAL A 152 -10.91 -3.92 -12.71
N CYS A 153 -10.90 -3.23 -13.85
CA CYS A 153 -10.47 -3.81 -15.12
C CYS A 153 -9.11 -3.24 -15.49
N VAL A 154 -8.11 -4.13 -15.57
CA VAL A 154 -6.75 -3.69 -15.87
C VAL A 154 -6.40 -3.87 -17.35
N SER A 155 -7.21 -4.59 -18.11
CA SER A 155 -6.98 -4.76 -19.55
C SER A 155 -8.33 -5.03 -20.20
N GLY A 156 -8.70 -4.20 -21.15
CA GLY A 156 -10.02 -4.25 -21.76
C GLY A 156 -10.19 -5.37 -22.76
N TRP A 157 -11.23 -5.25 -23.57
CA TRP A 157 -11.59 -6.30 -24.51
C TRP A 157 -10.64 -6.32 -25.70
N SER A 158 -10.15 -7.51 -26.05
CA SER A 158 -9.51 -7.68 -27.34
C SER A 158 -10.56 -7.65 -28.45
N ALA A 159 -11.65 -8.41 -28.27
CA ALA A 159 -12.82 -8.35 -29.14
C ALA A 159 -14.05 -8.19 -28.28
N GLN A 160 -14.93 -7.28 -28.66
CA GLN A 160 -16.09 -6.99 -27.82
C GLN A 160 -17.14 -8.09 -27.95
N PRO A 161 -17.82 -8.43 -26.86
CA PRO A 161 -18.90 -9.42 -26.93
C PRO A 161 -20.18 -8.79 -27.49
N GLN A 162 -21.24 -9.59 -27.50
CA GLN A 162 -22.50 -9.14 -28.09
C GLN A 162 -23.24 -8.18 -27.17
N THR A 163 -23.25 -8.46 -25.87
CA THR A 163 -23.94 -7.62 -24.90
C THR A 163 -23.07 -7.48 -23.65
N ASP A 164 -23.47 -6.56 -22.78
CA ASP A 164 -22.77 -6.38 -21.52
C ASP A 164 -23.09 -7.53 -20.57
N LEU A 165 -22.06 -7.98 -19.86
CA LEU A 165 -22.15 -9.21 -19.07
C LEU A 165 -22.36 -8.89 -17.60
N VAL A 166 -22.60 -9.94 -16.81
CA VAL A 166 -22.77 -9.83 -15.37
C VAL A 166 -21.90 -10.90 -14.72
N MET A 167 -20.97 -10.48 -13.87
CA MET A 167 -20.11 -11.40 -13.14
C MET A 167 -20.61 -11.50 -11.70
N THR A 168 -20.92 -12.71 -11.27
CA THR A 168 -21.38 -12.93 -9.91
C THR A 168 -20.26 -13.48 -9.05
N MET A 169 -20.36 -13.26 -7.75
CA MET A 169 -19.44 -13.83 -6.79
C MET A 169 -20.20 -14.08 -5.49
N ASP A 170 -19.74 -15.08 -4.74
CA ASP A 170 -20.38 -15.45 -3.48
C ASP A 170 -19.32 -15.71 -2.42
N PHE A 171 -19.55 -15.17 -1.23
CA PHE A 171 -18.58 -15.25 -0.15
C PHE A 171 -18.97 -16.36 0.82
N PHE A 172 -17.98 -17.10 1.27
CA PHE A 172 -18.15 -18.21 2.20
C PHE A 172 -17.29 -17.98 3.43
N VAL A 173 -17.42 -18.88 4.40
CA VAL A 173 -16.52 -18.95 5.55
C VAL A 173 -15.78 -20.28 5.43
N ALA A 174 -14.54 -20.24 4.97
CA ALA A 174 -13.80 -21.44 4.68
C ALA A 174 -13.34 -22.12 5.98
N ASN A 175 -12.90 -23.36 5.85
CA ASN A 175 -12.34 -24.12 6.97
C ASN A 175 -10.83 -23.92 7.05
N VAL A 176 -10.41 -22.65 7.04
CA VAL A 176 -9.01 -22.29 7.14
C VAL A 176 -8.88 -21.30 8.29
N PRO A 177 -8.07 -21.57 9.30
CA PRO A 177 -7.94 -20.62 10.41
C PRO A 177 -7.14 -19.40 10.03
N CYS A 178 -7.49 -18.27 10.63
CA CYS A 178 -6.84 -17.01 10.32
C CYS A 178 -5.45 -16.96 10.94
N VAL A 179 -4.46 -16.60 10.13
CA VAL A 179 -3.09 -16.47 10.59
C VAL A 179 -2.67 -15.01 10.37
N PRO A 180 -1.80 -14.44 11.19
CA PRO A 180 -1.38 -13.05 10.98
C PRO A 180 -0.17 -12.93 10.07
N ARG A 181 -0.15 -11.83 9.31
CA ARG A 181 0.96 -11.46 8.45
C ARG A 181 1.45 -10.10 8.89
N ILE A 182 2.56 -10.06 9.63
CA ILE A 182 3.07 -8.86 10.26
C ILE A 182 4.47 -8.59 9.70
N TYR A 183 4.67 -7.36 9.23
CA TYR A 183 5.97 -6.93 8.69
C TYR A 183 6.74 -6.23 9.80
N ASN A 184 7.72 -6.92 10.38
CA ASN A 184 8.55 -6.33 11.41
C ASN A 184 9.66 -5.51 10.79
N LEU A 185 10.02 -4.42 11.46
CA LEU A 185 11.02 -3.49 10.94
C LEU A 185 12.44 -3.88 11.32
N GLY A 186 12.65 -4.31 12.56
CA GLY A 186 13.99 -4.64 13.02
C GLY A 186 14.50 -5.96 12.50
N SER A 187 13.71 -7.02 12.63
CA SER A 187 14.09 -8.37 12.19
C SER A 187 13.12 -8.84 11.12
N PRO A 188 13.37 -8.53 9.86
CA PRO A 188 12.51 -9.05 8.79
C PRO A 188 12.80 -10.51 8.54
N GLY A 189 11.82 -11.19 7.94
CA GLY A 189 11.94 -12.59 7.65
C GLY A 189 12.83 -12.86 6.45
N GLN A 190 12.95 -14.14 6.12
CA GLN A 190 13.71 -14.57 4.95
C GLN A 190 12.88 -14.56 3.68
N THR A 191 11.62 -14.16 3.75
CA THR A 191 10.75 -14.05 2.58
C THR A 191 9.86 -12.83 2.75
N LEU A 192 9.98 -11.88 1.84
CA LEU A 192 9.24 -10.63 1.89
C LEU A 192 8.17 -10.65 0.81
N TRP A 193 6.91 -10.77 1.22
CA TRP A 193 5.80 -10.78 0.28
C TRP A 193 5.47 -9.34 -0.11
N LEU A 194 5.59 -9.03 -1.40
CA LEU A 194 5.37 -7.69 -1.91
C LEU A 194 4.10 -7.56 -2.72
N ASN A 195 3.90 -8.45 -3.70
CA ASN A 195 2.82 -8.38 -4.70
C ASN A 195 2.82 -7.03 -5.42
N ARG A 196 4.01 -6.60 -5.84
CA ARG A 196 4.14 -5.30 -6.46
C ARG A 196 3.80 -5.37 -7.94
N TRP A 197 2.92 -4.49 -8.39
CA TRP A 197 2.55 -4.41 -9.79
C TRP A 197 3.70 -3.76 -10.57
N MET A 198 4.43 -4.56 -11.33
CA MET A 198 5.58 -4.04 -12.06
C MET A 198 5.17 -3.26 -13.30
N GLY A 199 4.09 -3.66 -13.97
CA GLY A 199 3.62 -2.93 -15.12
C GLY A 199 3.02 -3.83 -16.18
N LYS A 200 2.43 -3.21 -17.20
CA LYS A 200 1.81 -3.93 -18.30
C LYS A 200 2.65 -3.77 -19.56
N LEU A 201 2.85 -4.87 -20.27
CA LEU A 201 3.69 -4.93 -21.45
C LEU A 201 2.81 -5.21 -22.66
N SER A 202 2.79 -4.28 -23.61
CA SER A 202 1.94 -4.40 -24.79
C SER A 202 2.83 -4.50 -26.03
N PHE A 203 2.93 -5.71 -26.58
CA PHE A 203 3.66 -5.93 -27.82
C PHE A 203 2.67 -5.89 -28.98
N GLY A 204 2.93 -5.00 -29.93
CA GLY A 204 2.07 -4.91 -31.09
C GLY A 204 2.34 -5.99 -32.11
N GLN A 205 1.47 -6.06 -33.11
CA GLN A 205 1.61 -7.02 -34.19
C GLN A 205 2.40 -6.40 -35.34
N GLY A 206 3.27 -7.21 -35.95
CA GLY A 206 4.04 -6.74 -37.07
C GLY A 206 5.18 -5.82 -36.72
N VAL A 207 5.61 -5.82 -35.45
CA VAL A 207 6.74 -5.01 -34.99
C VAL A 207 7.97 -5.90 -34.97
N SER A 208 9.04 -5.46 -35.63
CA SER A 208 10.22 -6.29 -35.78
C SER A 208 11.09 -6.26 -34.52
N ASN A 209 11.56 -5.09 -34.13
CA ASN A 209 12.54 -4.93 -33.06
C ASN A 209 11.91 -4.14 -31.92
N ASP A 210 11.35 -4.86 -30.94
CA ASP A 210 10.78 -4.25 -29.75
C ASP A 210 11.24 -5.02 -28.52
N ILE A 211 11.65 -4.29 -27.49
CA ILE A 211 12.15 -4.87 -26.25
C ILE A 211 11.75 -3.95 -25.11
N LYS A 212 11.10 -4.50 -24.09
CA LYS A 212 10.63 -3.73 -22.95
C LYS A 212 11.54 -3.95 -21.75
N SER A 213 11.64 -2.92 -20.92
CA SER A 213 12.51 -2.94 -19.75
C SER A 213 11.74 -2.48 -18.52
N MET A 214 12.06 -3.09 -17.38
CA MET A 214 11.46 -2.72 -16.10
C MET A 214 12.58 -2.52 -15.08
N PRO A 215 12.69 -1.36 -14.45
CA PRO A 215 13.77 -1.16 -13.47
C PRO A 215 13.49 -1.91 -12.19
N LEU A 216 14.55 -2.48 -11.61
CA LEU A 216 14.45 -3.19 -10.34
C LEU A 216 14.70 -2.30 -9.13
N ALA A 217 14.79 -0.98 -9.33
CA ALA A 217 14.80 -0.03 -8.24
C ALA A 217 13.35 0.35 -7.90
N ILE A 218 12.67 -0.61 -7.27
CA ILE A 218 11.21 -0.55 -7.15
C ILE A 218 10.72 0.27 -5.97
N GLY A 219 11.62 0.82 -5.16
CA GLY A 219 11.20 1.63 -4.04
C GLY A 219 10.74 3.01 -4.48
N GLY A 220 10.11 3.71 -3.54
CA GLY A 220 9.65 5.07 -3.77
C GLY A 220 8.24 5.19 -4.30
N GLY A 221 7.67 4.11 -4.82
CA GLY A 221 6.32 4.14 -5.34
C GLY A 221 6.25 4.18 -6.85
N ALA A 222 5.11 4.61 -7.35
CA ALA A 222 4.89 4.73 -8.78
C ALA A 222 4.63 6.20 -9.14
N GLY A 223 5.01 6.57 -10.35
CA GLY A 223 4.85 7.94 -10.77
C GLY A 223 3.44 8.25 -11.24
N ALA A 224 3.10 9.53 -11.17
CA ALA A 224 1.84 10.07 -11.68
C ALA A 224 2.05 11.55 -11.93
N LYS A 225 1.03 12.17 -12.53
CA LYS A 225 1.14 13.55 -13.02
C LYS A 225 1.26 14.50 -11.84
N ASP A 226 2.51 14.88 -11.54
CA ASP A 226 2.91 15.61 -10.35
C ASP A 226 2.42 14.92 -9.07
N SER A 227 2.52 13.60 -9.04
CA SER A 227 2.06 12.83 -7.89
C SER A 227 2.81 11.51 -7.81
N ILE A 228 2.68 10.84 -6.67
CA ILE A 228 3.22 9.51 -6.49
C ILE A 228 2.13 8.62 -5.90
N LEU A 229 2.23 7.33 -6.18
CA LEU A 229 1.34 6.31 -5.67
C LEU A 229 2.13 5.39 -4.75
N MET A 230 1.54 5.06 -3.61
CA MET A 230 2.23 4.29 -2.58
C MET A 230 1.33 3.17 -2.05
N ASN A 231 1.98 2.20 -1.42
CA ASN A 231 1.32 1.19 -0.61
C ASN A 231 2.28 0.79 0.49
N MET A 232 1.81 -0.06 1.41
CA MET A 232 2.60 -0.34 2.60
C MET A 232 3.78 -1.25 2.33
N THR A 233 3.73 -2.08 1.28
CA THR A 233 4.85 -2.96 0.99
C THR A 233 6.01 -2.18 0.39
N ASN A 234 5.72 -1.26 -0.52
CA ASN A 234 6.78 -0.43 -1.09
C ASN A 234 7.33 0.55 -0.06
N ALA A 235 6.47 1.06 0.82
CA ALA A 235 6.93 1.92 1.89
C ALA A 235 7.78 1.16 2.91
N TYR A 236 7.46 -0.12 3.12
CA TYR A 236 8.28 -0.94 4.02
C TYR A 236 9.61 -1.29 3.37
N LEU A 237 9.62 -1.48 2.05
CA LEU A 237 10.87 -1.80 1.35
C LEU A 237 11.76 -0.57 1.24
N SER A 238 11.18 0.62 1.13
CA SER A 238 11.95 1.84 0.94
C SER A 238 12.61 2.36 2.22
N LEU A 239 12.56 1.61 3.32
CA LEU A 239 13.26 2.03 4.52
C LEU A 239 14.75 1.72 4.42
N TRP A 240 15.11 0.59 3.82
CA TRP A 240 16.50 0.24 3.66
C TRP A 240 17.11 0.96 2.46
N ARG A 241 18.43 0.97 2.42
CA ARG A 241 19.17 1.64 1.35
C ARG A 241 19.50 0.68 0.21
N TYR A 242 19.86 -0.56 0.52
CA TYR A 242 20.11 -1.59 -0.47
C TYR A 242 19.37 -2.86 -0.06
N PHE A 243 19.06 -3.69 -1.05
CA PHE A 243 18.43 -4.98 -0.77
C PHE A 243 18.96 -6.03 -1.72
N HIS A 244 18.85 -7.28 -1.29
CA HIS A 244 19.40 -8.40 -2.04
C HIS A 244 18.58 -9.65 -1.78
N GLY A 245 18.35 -10.43 -2.84
CA GLY A 245 17.61 -11.67 -2.73
C GLY A 245 17.25 -12.16 -4.11
N ASP A 246 16.69 -13.37 -4.16
CA ASP A 246 16.24 -13.96 -5.41
C ASP A 246 14.76 -13.63 -5.62
N LEU A 247 14.44 -13.09 -6.79
CA LEU A 247 13.13 -12.53 -7.08
C LEU A 247 12.24 -13.58 -7.74
N VAL A 248 10.94 -13.51 -7.42
CA VAL A 248 9.94 -14.43 -7.96
C VAL A 248 8.88 -13.58 -8.65
N PHE A 249 8.83 -13.67 -9.98
CA PHE A 249 7.86 -12.93 -10.77
C PHE A 249 6.75 -13.86 -11.23
N GLU A 250 5.58 -13.28 -11.43
CA GLU A 250 4.43 -13.96 -12.03
C GLU A 250 4.01 -13.18 -13.25
N VAL A 251 3.88 -13.88 -14.38
CA VAL A 251 3.48 -13.28 -15.64
C VAL A 251 2.08 -13.80 -15.98
N ASN A 252 1.15 -12.86 -16.16
CA ASN A 252 -0.22 -13.16 -16.54
C ASN A 252 -0.48 -12.72 -17.97
N LYS A 253 -1.32 -13.48 -18.66
CA LYS A 253 -1.71 -13.17 -20.03
C LYS A 253 -3.03 -12.40 -20.00
N MET A 254 -3.01 -11.17 -20.52
CA MET A 254 -4.15 -10.28 -20.45
C MET A 254 -4.80 -10.03 -21.81
N SER A 255 -4.44 -10.81 -22.82
CA SER A 255 -5.00 -10.66 -24.15
C SER A 255 -5.81 -11.90 -24.49
N SER A 256 -6.33 -11.92 -25.72
CA SER A 256 -7.02 -13.09 -26.21
C SER A 256 -6.02 -14.22 -26.47
N PRO A 257 -6.42 -15.48 -26.27
CA PRO A 257 -5.52 -16.60 -26.58
C PRO A 257 -5.32 -16.86 -28.07
N TYR A 258 -5.96 -16.10 -28.96
CA TYR A 258 -5.67 -16.15 -30.39
C TYR A 258 -4.49 -15.26 -30.78
N ILE A 259 -3.89 -14.55 -29.83
CA ILE A 259 -2.72 -13.73 -30.08
C ILE A 259 -1.54 -14.39 -29.38
N LYS A 260 -0.58 -14.89 -30.16
CA LYS A 260 0.47 -15.74 -29.64
C LYS A 260 1.84 -15.10 -29.89
N SER A 261 2.74 -15.26 -28.92
CA SER A 261 4.10 -14.74 -29.01
C SER A 261 4.99 -15.51 -28.05
N THR A 262 6.29 -15.47 -28.32
CA THR A 262 7.30 -16.09 -27.48
C THR A 262 8.19 -14.99 -26.92
N VAL A 263 8.25 -14.87 -25.60
CA VAL A 263 8.93 -13.77 -24.93
C VAL A 263 10.09 -14.33 -24.13
N THR A 264 11.28 -13.75 -24.31
CA THR A 264 12.45 -14.11 -23.52
C THR A 264 12.65 -13.05 -22.45
N PHE A 265 12.76 -13.51 -21.20
CA PHE A 265 13.00 -12.66 -20.04
C PHE A 265 14.42 -12.87 -19.54
N PHE A 266 15.13 -11.78 -19.28
CA PHE A 266 16.46 -11.88 -18.70
C PHE A 266 16.75 -10.64 -17.87
N ILE A 267 17.93 -10.65 -17.24
CA ILE A 267 18.38 -9.58 -16.35
C ILE A 267 19.53 -8.87 -17.02
N GLY A 268 19.41 -7.56 -17.19
CA GLY A 268 20.46 -6.78 -17.84
C GLY A 268 20.88 -5.55 -17.08
N PHE A 269 21.51 -4.60 -17.77
CA PHE A 269 22.00 -3.38 -17.16
C PHE A 269 21.91 -2.25 -18.18
N GLY A 270 21.53 -1.07 -17.71
CA GLY A 270 21.57 0.12 -18.54
C GLY A 270 20.51 0.14 -19.62
N GLY A 271 20.88 0.70 -20.77
CA GLY A 271 19.99 0.76 -21.91
C GLY A 271 20.56 0.11 -23.14
N VAL A 272 19.94 -0.99 -23.58
CA VAL A 272 20.39 -1.71 -24.74
C VAL A 272 19.52 -1.33 -25.94
N SER A 273 19.98 -1.69 -27.13
CA SER A 273 19.34 -1.26 -28.37
C SER A 273 18.99 -2.45 -29.26
N PHE A 274 18.57 -3.55 -28.64
CA PHE A 274 18.13 -4.80 -29.29
C PHE A 274 19.21 -5.38 -30.20
N GLN A 275 20.28 -5.79 -29.57
CA GLN A 275 21.22 -6.62 -30.30
C GLN A 275 20.67 -8.04 -30.39
N PRO A 276 20.77 -8.68 -31.56
CA PRO A 276 20.29 -10.07 -31.68
C PRO A 276 21.10 -11.06 -30.86
N GLU A 277 22.34 -10.74 -30.52
CA GLU A 277 23.16 -11.59 -29.66
C GLU A 277 23.03 -11.18 -28.20
N LEU A 278 21.78 -11.06 -27.73
CA LEU A 278 21.49 -10.69 -26.35
C LEU A 278 20.96 -11.86 -25.54
N GLU A 279 20.71 -13.01 -26.18
CA GLU A 279 20.25 -14.20 -25.49
C GLU A 279 21.39 -15.02 -24.91
N ASP A 280 22.62 -14.50 -24.92
CA ASP A 280 23.73 -15.18 -24.28
C ASP A 280 23.69 -15.06 -22.77
N PHE A 281 22.90 -14.13 -22.23
CA PHE A 281 22.56 -14.16 -20.82
C PHE A 281 21.68 -15.37 -20.54
N PRO A 282 21.70 -15.89 -19.31
CA PRO A 282 20.74 -16.95 -18.96
C PRO A 282 19.32 -16.42 -18.91
N ASN A 283 18.53 -16.79 -19.92
CA ASN A 283 17.21 -16.22 -20.12
C ASN A 283 16.15 -17.32 -20.09
N LYS A 284 14.92 -16.91 -19.83
CA LYS A 284 13.79 -17.82 -19.75
C LYS A 284 12.82 -17.55 -20.90
N LEU A 285 12.49 -18.60 -21.64
CA LEU A 285 11.57 -18.51 -22.77
C LEU A 285 10.16 -18.84 -22.29
N VAL A 286 9.24 -17.90 -22.49
CA VAL A 286 7.85 -18.06 -22.08
C VAL A 286 7.00 -18.10 -23.34
N GLN A 287 6.20 -19.16 -23.47
CA GLN A 287 5.33 -19.37 -24.60
C GLN A 287 4.02 -19.94 -24.07
N PHE A 288 2.96 -19.14 -24.11
CA PHE A 288 1.69 -19.52 -23.50
C PHE A 288 0.90 -20.46 -24.41
N SER A 289 0.21 -21.41 -23.79
CA SER A 289 -0.77 -22.24 -24.48
C SER A 289 -2.13 -21.56 -24.39
N GLU A 290 -3.18 -22.28 -24.77
CA GLU A 290 -4.53 -21.72 -24.65
C GLU A 290 -5.08 -21.85 -23.24
N VAL A 291 -4.85 -22.99 -22.59
CA VAL A 291 -5.27 -23.16 -21.21
C VAL A 291 -4.30 -22.53 -20.24
N GLN A 292 -3.05 -22.32 -20.65
CA GLN A 292 -2.06 -21.69 -19.80
C GLN A 292 -2.37 -20.19 -19.67
N GLU A 293 -2.45 -19.71 -18.43
CA GLU A 293 -2.81 -18.33 -18.16
C GLU A 293 -1.74 -17.57 -17.38
N LYS A 294 -1.15 -18.18 -16.36
CA LYS A 294 -0.20 -17.51 -15.49
C LYS A 294 1.00 -18.41 -15.27
N ILE A 295 2.20 -17.85 -15.36
CA ILE A 295 3.43 -18.62 -15.20
C ILE A 295 4.33 -17.91 -14.19
N GLU A 296 4.86 -18.67 -13.25
CA GLU A 296 5.80 -18.17 -12.25
C GLU A 296 7.23 -18.46 -12.69
N LEU A 297 8.06 -17.42 -12.72
CA LEU A 297 9.47 -17.59 -13.03
C LEU A 297 10.31 -16.97 -11.92
N LYS A 298 11.34 -17.71 -11.51
CA LYS A 298 12.19 -17.32 -10.38
C LYS A 298 13.61 -17.09 -10.88
N PHE A 299 14.08 -15.86 -10.72
CA PHE A 299 15.48 -15.54 -10.97
C PHE A 299 16.25 -15.74 -9.66
N THR A 300 17.16 -16.70 -9.66
CA THR A 300 17.94 -16.98 -8.45
C THR A 300 18.95 -15.86 -8.20
N ARG A 301 19.51 -15.85 -6.99
CA ARG A 301 20.43 -14.79 -6.59
C ARG A 301 21.86 -15.03 -7.07
N ALA A 302 22.08 -16.05 -7.90
CA ALA A 302 23.32 -16.19 -8.64
C ALA A 302 23.37 -15.28 -9.85
N GLU A 303 22.25 -14.67 -10.23
CA GLU A 303 22.23 -13.70 -11.31
C GLU A 303 22.59 -12.30 -10.84
N PHE A 304 22.65 -12.08 -9.53
CA PHE A 304 22.97 -10.77 -8.96
C PHE A 304 24.28 -10.87 -8.20
N LEU A 305 25.23 -10.02 -8.56
CA LEU A 305 26.54 -10.04 -7.92
C LEU A 305 26.48 -9.49 -6.51
N THR A 306 26.10 -8.23 -6.38
CA THR A 306 25.99 -7.55 -5.10
C THR A 306 24.56 -7.03 -4.92
N ALA A 307 24.33 -6.36 -3.81
CA ALA A 307 23.05 -5.69 -3.59
C ALA A 307 22.97 -4.43 -4.45
N TRP A 308 21.75 -3.93 -4.63
CA TRP A 308 21.54 -2.74 -5.42
C TRP A 308 20.57 -1.83 -4.69
N SER A 309 20.53 -0.57 -5.12
CA SER A 309 19.80 0.46 -4.40
C SER A 309 18.29 0.30 -4.57
N THR A 310 17.55 0.58 -3.51
CA THR A 310 16.10 0.47 -3.57
C THR A 310 15.49 1.64 -4.35
N GLN A 311 16.17 2.78 -4.39
CA GLN A 311 15.59 3.99 -4.93
C GLN A 311 16.62 4.69 -5.81
N VAL A 312 16.19 5.11 -6.99
CA VAL A 312 17.02 5.79 -7.97
C VAL A 312 16.31 7.06 -8.39
N ASP A 313 17.05 8.17 -8.42
CA ASP A 313 16.48 9.45 -8.83
C ASP A 313 16.01 9.41 -10.28
N PRO A 314 14.77 9.80 -10.56
CA PRO A 314 14.24 9.68 -11.93
C PRO A 314 14.78 10.73 -12.89
N ALA A 315 15.46 11.76 -12.41
CA ALA A 315 16.06 12.77 -13.27
C ALA A 315 17.46 12.39 -13.74
N ALA A 316 17.94 11.20 -13.41
CA ALA A 316 19.26 10.77 -13.83
C ALA A 316 19.22 10.17 -15.22
N GLN A 317 20.40 10.07 -15.83
CA GLN A 317 20.52 9.54 -17.17
C GLN A 317 20.53 8.01 -17.14
N LEU A 318 20.48 7.42 -18.34
CA LEU A 318 20.53 5.96 -18.44
C LEU A 318 21.92 5.43 -18.12
N ALA A 319 22.97 6.17 -18.46
CA ALA A 319 24.32 5.76 -18.14
C ALA A 319 24.64 5.94 -16.66
N ASN A 320 23.90 6.80 -15.96
CA ASN A 320 24.12 7.07 -14.55
C ASN A 320 23.16 6.28 -13.66
N ASP A 321 22.76 5.09 -14.09
CA ASP A 321 21.86 4.23 -13.32
C ASP A 321 22.52 2.86 -13.19
N GLY A 322 22.84 2.48 -11.97
CA GLY A 322 23.53 1.23 -11.70
C GLY A 322 22.67 0.05 -11.34
N CYS A 323 21.35 0.25 -11.18
CA CYS A 323 20.48 -0.85 -10.80
C CYS A 323 20.27 -1.79 -11.99
N PRO A 324 20.08 -3.08 -11.73
CA PRO A 324 19.76 -4.00 -12.83
C PRO A 324 18.34 -3.79 -13.33
N TYR A 325 18.10 -4.28 -14.54
CA TYR A 325 16.80 -4.20 -15.19
C TYR A 325 16.29 -5.61 -15.46
N LEU A 326 14.99 -5.69 -15.75
CA LEU A 326 14.36 -6.91 -16.25
C LEU A 326 13.92 -6.63 -17.68
N TYR A 327 14.53 -7.33 -18.62
CA TYR A 327 14.28 -7.14 -20.04
C TYR A 327 13.41 -8.28 -20.57
N ALA A 328 12.45 -7.91 -21.41
CA ALA A 328 11.59 -8.87 -22.11
C ALA A 328 11.62 -8.53 -23.58
N MET A 329 12.08 -9.47 -24.41
CA MET A 329 12.12 -9.26 -25.84
C MET A 329 11.37 -10.38 -26.55
N VAL A 330 10.79 -10.05 -27.70
CA VAL A 330 10.08 -11.03 -28.49
C VAL A 330 11.08 -11.91 -29.23
N HIS A 331 10.97 -13.22 -29.03
CA HIS A 331 11.86 -14.15 -29.72
C HIS A 331 11.50 -14.24 -31.21
N ASP A 332 10.20 -14.32 -31.50
CA ASP A 332 9.71 -14.29 -32.88
C ASP A 332 8.68 -13.17 -33.02
N SER A 333 7.99 -13.12 -34.15
CA SER A 333 7.00 -12.09 -34.37
C SER A 333 5.70 -12.42 -33.63
N THR A 334 4.80 -11.44 -33.57
CA THR A 334 3.50 -11.59 -32.94
C THR A 334 2.48 -11.97 -34.00
N ALA A 335 1.94 -13.17 -33.90
CA ALA A 335 1.07 -13.74 -34.91
C ALA A 335 -0.35 -13.88 -34.39
N SER A 336 -1.31 -13.31 -35.11
CA SER A 336 -2.72 -13.44 -34.78
C SER A 336 -3.54 -13.14 -36.04
N THR A 337 -4.84 -13.39 -35.94
CA THR A 337 -5.78 -13.00 -36.99
C THR A 337 -6.68 -11.84 -36.59
N ILE A 338 -6.83 -11.58 -35.29
CA ILE A 338 -7.56 -10.42 -34.79
C ILE A 338 -6.63 -9.22 -34.81
N VAL A 339 -7.17 -8.02 -34.59
CA VAL A 339 -6.39 -6.80 -34.66
C VAL A 339 -5.95 -6.32 -33.27
N GLY A 340 -5.90 -7.21 -32.29
CA GLY A 340 -5.48 -6.85 -30.95
C GLY A 340 -3.97 -6.86 -30.79
N ASP A 341 -3.54 -6.58 -29.56
CA ASP A 341 -2.14 -6.61 -29.19
C ASP A 341 -1.90 -7.66 -28.13
N PHE A 342 -0.64 -8.05 -27.96
CA PHE A 342 -0.25 -9.08 -27.00
C PHE A 342 0.10 -8.41 -25.69
N ASN A 343 -0.72 -8.64 -24.67
CA ASN A 343 -0.57 -7.98 -23.38
C ASN A 343 -0.08 -8.95 -22.32
N LEU A 344 0.83 -8.48 -21.47
CA LEU A 344 1.36 -9.27 -20.37
C LEU A 344 1.37 -8.42 -19.11
N GLY A 345 1.19 -9.09 -17.97
CA GLY A 345 1.26 -8.42 -16.69
C GLY A 345 2.28 -9.06 -15.78
N VAL A 346 3.29 -8.30 -15.38
CA VAL A 346 4.38 -8.80 -14.55
C VAL A 346 4.15 -8.33 -13.13
N THR A 347 4.28 -9.25 -12.16
CA THR A 347 4.10 -8.91 -10.76
C THR A 347 5.19 -9.60 -9.95
N LEU A 348 6.01 -8.81 -9.28
CA LEU A 348 7.01 -9.36 -8.35
C LEU A 348 6.29 -9.75 -7.08
N THR A 349 6.07 -11.06 -6.88
CA THR A 349 5.25 -11.48 -5.77
C THR A 349 6.03 -11.46 -4.45
N ARG A 350 7.14 -12.19 -4.39
CA ARG A 350 7.91 -12.28 -3.16
C ARG A 350 9.39 -12.22 -3.47
N ILE A 351 10.16 -11.86 -2.45
CA ILE A 351 11.62 -11.84 -2.51
C ILE A 351 12.10 -12.80 -1.43
N GLU A 352 12.52 -13.99 -1.84
CA GLU A 352 13.11 -14.92 -0.89
C GLU A 352 14.51 -14.47 -0.52
N ASN A 353 15.02 -15.03 0.59
CA ASN A 353 16.39 -14.80 1.08
C ASN A 353 16.71 -13.32 1.25
N PHE A 354 15.75 -12.58 1.81
CA PHE A 354 15.81 -11.13 1.77
C PHE A 354 16.87 -10.60 2.72
N ALA A 355 17.71 -9.70 2.22
CA ALA A 355 18.73 -9.05 3.02
C ALA A 355 18.66 -7.55 2.76
N GLY A 356 18.38 -6.79 3.80
CA GLY A 356 18.33 -5.33 3.72
C GLY A 356 19.56 -4.73 4.37
N ILE A 357 20.10 -3.70 3.74
CA ILE A 357 21.37 -3.09 4.15
C ILE A 357 21.18 -1.59 4.24
N GLY A 358 21.46 -1.02 5.40
CA GLY A 358 21.51 0.41 5.55
C GLY A 358 20.19 1.04 5.95
N CYS A 359 20.12 2.35 5.74
CA CYS A 359 18.94 3.13 6.06
C CYS A 359 18.79 4.22 5.01
N ASN A 360 17.59 4.36 4.47
CA ASN A 360 17.36 5.26 3.35
C ASN A 360 16.96 6.63 3.86
N PRO A 361 17.70 7.70 3.50
CA PRO A 361 17.19 9.04 3.81
C PRO A 361 16.03 9.45 2.93
N GLY A 362 15.94 8.92 1.72
CA GLY A 362 14.79 9.16 0.88
C GLY A 362 15.16 9.96 -0.37
N ILE A 363 14.48 9.65 -1.47
CA ILE A 363 14.63 10.36 -2.73
C ILE A 363 13.23 10.70 -3.24
N GLN A 364 12.98 11.98 -3.47
CA GLN A 364 11.66 12.42 -3.92
C GLN A 364 11.47 12.09 -5.39
N GLY A 365 10.32 11.52 -5.72
CA GLY A 365 9.96 11.22 -7.09
C GLY A 365 9.95 9.73 -7.37
N ALA A 366 9.26 9.36 -8.44
CA ALA A 366 9.18 7.99 -8.89
C ALA A 366 8.94 7.96 -10.38
N ARG A 367 9.31 6.85 -11.01
CA ARG A 367 9.19 6.70 -12.45
C ARG A 367 7.81 6.16 -12.81
N LEU A 368 7.42 6.39 -14.06
CA LEU A 368 6.14 5.92 -14.56
C LEU A 368 6.22 4.44 -14.92
N LEU A 369 5.09 3.75 -14.75
CA LEU A 369 4.99 2.34 -15.07
C LEU A 369 4.44 2.15 -16.47
N GLY A 370 5.02 1.19 -17.20
CA GLY A 370 4.57 0.90 -18.55
C GLY A 370 4.94 1.95 -19.58
N ASN B 1 29.36 26.60 27.56
CA ASN B 1 28.31 25.70 27.13
C ASN B 1 28.86 24.31 26.86
N ALA B 2 28.01 23.30 26.99
CA ALA B 2 28.39 21.93 26.71
C ALA B 2 28.29 21.65 25.21
N VAL B 3 28.74 20.46 24.82
CA VAL B 3 28.68 20.09 23.41
C VAL B 3 27.24 19.73 23.03
N VAL B 4 26.96 19.82 21.74
CA VAL B 4 25.64 19.54 21.20
C VAL B 4 25.67 18.13 20.63
N ARG B 5 25.12 17.18 21.37
CA ARG B 5 25.08 15.79 20.95
C ARG B 5 23.63 15.33 20.91
N SER B 6 23.25 14.64 19.84
CA SER B 6 21.88 14.22 19.61
C SER B 6 21.81 12.69 19.58
N SER B 7 20.64 12.17 19.23
CA SER B 7 20.42 10.74 19.17
C SER B 7 21.20 10.13 18.00
N PRO B 8 21.73 8.93 18.15
CA PRO B 8 22.63 8.36 17.13
C PRO B 8 21.93 7.77 15.92
N GLY B 9 20.64 7.99 15.73
CA GLY B 9 19.92 7.48 14.58
C GLY B 9 19.94 8.42 13.40
N ILE B 10 19.02 8.19 12.48
CA ILE B 10 18.85 9.01 11.29
C ILE B 10 17.37 9.38 11.19
N TYR B 11 17.10 10.69 11.17
CA TYR B 11 15.75 11.21 11.29
C TYR B 11 15.29 11.80 9.97
N SER B 12 14.08 11.43 9.54
CA SER B 12 13.52 11.94 8.30
C SER B 12 12.57 13.08 8.60
N ASN B 13 12.72 14.18 7.87
CA ASN B 13 11.92 15.38 8.09
C ASN B 13 10.53 15.18 7.48
N CYS B 14 9.48 15.28 8.29
CA CYS B 14 8.13 15.05 7.83
C CYS B 14 7.38 16.35 7.56
N PHE B 15 7.30 17.23 8.57
CA PHE B 15 6.59 18.48 8.44
C PHE B 15 7.57 19.65 8.42
N SER B 16 7.22 20.69 7.66
CA SER B 16 8.02 21.91 7.62
C SER B 16 7.08 23.09 7.55
N LEU B 17 7.12 23.94 8.58
CA LEU B 17 6.21 25.07 8.68
C LEU B 17 6.98 26.38 8.74
N ARG B 18 6.35 27.43 8.24
CA ARG B 18 6.91 28.77 8.26
C ARG B 18 5.81 29.76 8.62
N ALA B 19 6.08 30.57 9.64
CA ALA B 19 5.15 31.58 10.13
C ALA B 19 4.95 32.67 9.08
N PRO B 20 3.81 33.38 9.12
CA PRO B 20 3.61 34.50 8.19
C PRO B 20 4.55 35.65 8.48
N LEU B 21 4.63 36.57 7.50
CA LEU B 21 5.63 37.63 7.56
C LEU B 21 5.24 38.71 8.56
N LYS B 22 3.99 39.14 8.53
CA LYS B 22 3.52 40.20 9.43
C LYS B 22 2.47 39.66 10.38
N PRO B 23 2.84 39.24 11.59
CA PRO B 23 1.86 38.79 12.56
C PRO B 23 1.41 39.91 13.48
N ASP B 24 0.42 39.60 14.32
CA ASP B 24 -0.14 40.55 15.26
C ASP B 24 0.00 40.09 16.71
N GLY B 25 -0.35 38.84 17.00
CA GLY B 25 -0.27 38.33 18.34
C GLY B 25 0.26 36.90 18.38
N PRO B 26 -0.19 36.12 19.35
CA PRO B 26 0.26 34.72 19.44
C PRO B 26 -0.38 33.87 18.35
N LYS B 27 0.40 32.89 17.87
CA LYS B 27 -0.05 31.95 16.86
C LYS B 27 0.10 30.53 17.38
N SER B 28 -0.58 29.60 16.73
CA SER B 28 -0.57 28.21 17.18
C SER B 28 -0.91 27.30 16.00
N PHE B 29 -0.39 26.07 16.07
CA PHE B 29 -0.75 25.07 15.08
C PHE B 29 -0.68 23.68 15.71
N THR B 30 -1.09 22.68 14.94
CA THR B 30 -1.15 21.30 15.40
C THR B 30 -0.78 20.36 14.26
N CYS B 31 0.07 19.39 14.57
CA CYS B 31 0.53 18.39 13.61
C CYS B 31 0.07 17.01 14.04
N ASP B 32 -0.47 16.24 13.09
CA ASP B 32 -0.88 14.87 13.32
C ASP B 32 0.29 13.96 12.96
N LEU B 33 0.89 13.32 13.96
CA LEU B 33 2.09 12.55 13.74
C LEU B 33 1.83 11.19 13.11
N MET B 34 0.59 10.71 13.15
CA MET B 34 0.26 9.40 12.59
C MET B 34 -0.65 9.47 11.36
N GLY B 35 -1.29 10.61 11.11
CA GLY B 35 -2.18 10.73 9.98
C GLY B 35 -1.66 11.64 8.90
N GLY B 36 -0.65 12.43 9.21
CA GLY B 36 -0.04 13.32 8.25
C GLY B 36 -0.90 14.53 7.91
N GLY B 37 -1.39 15.22 8.93
CA GLY B 37 -2.20 16.40 8.73
C GLY B 37 -1.77 17.51 9.65
N VAL B 38 -1.86 18.74 9.15
CA VAL B 38 -1.46 19.93 9.89
C VAL B 38 -2.60 20.94 9.82
N VAL B 39 -3.06 21.39 10.99
CA VAL B 39 -4.09 22.42 11.08
C VAL B 39 -3.50 23.61 11.84
N THR B 40 -3.48 24.77 11.20
CA THR B 40 -2.91 25.97 11.78
C THR B 40 -4.06 26.86 12.28
N ASP B 41 -4.10 27.09 13.59
CA ASP B 41 -5.19 27.86 14.19
C ASP B 41 -4.94 29.33 13.89
N GLY B 42 -5.50 29.79 12.78
CA GLY B 42 -5.34 31.18 12.40
C GLY B 42 -5.70 31.38 10.93
N ASP B 43 -5.21 32.50 10.40
CA ASP B 43 -5.49 32.89 9.03
C ASP B 43 -4.47 32.25 8.08
N THR B 44 -4.43 32.73 6.85
CA THR B 44 -3.48 32.25 5.86
C THR B 44 -2.11 32.89 6.10
N GLY B 45 -1.17 32.65 5.19
CA GLY B 45 0.19 33.07 5.36
C GLY B 45 1.12 32.01 5.91
N TRP B 46 0.57 30.99 6.56
CA TRP B 46 1.38 29.87 7.02
C TRP B 46 1.82 29.03 5.84
N GLN B 47 3.12 28.81 5.72
CA GLN B 47 3.67 27.96 4.68
C GLN B 47 3.91 26.58 5.29
N VAL B 48 3.02 25.64 4.99
CA VAL B 48 3.08 24.29 5.56
C VAL B 48 3.32 23.29 4.44
N THR B 49 4.37 22.49 4.58
CA THR B 49 4.67 21.44 3.63
C THR B 49 4.83 20.11 4.35
N VAL B 50 4.26 19.07 3.76
CA VAL B 50 4.39 17.70 4.26
C VAL B 50 5.27 16.94 3.28
N ARG B 51 6.42 16.48 3.75
CA ARG B 51 7.39 15.83 2.88
C ARG B 51 6.96 14.40 2.55
N ASN B 52 7.65 13.81 1.58
CA ASN B 52 7.39 12.46 1.11
C ASN B 52 8.50 11.50 1.50
N THR B 53 9.01 11.66 2.73
CA THR B 53 10.03 10.77 3.27
C THR B 53 9.43 9.38 3.50
N PRO B 54 10.27 8.33 3.47
CA PRO B 54 9.73 6.97 3.63
C PRO B 54 9.13 6.69 5.00
N VAL B 55 9.55 7.38 6.05
CA VAL B 55 8.92 7.20 7.36
C VAL B 55 7.50 7.78 7.34
N SER B 56 7.32 8.94 6.72
CA SER B 56 5.99 9.53 6.62
C SER B 56 5.09 8.73 5.68
N ASN B 57 5.67 8.18 4.61
CA ASN B 57 4.91 7.34 3.69
C ASN B 57 4.47 6.04 4.37
N LEU B 58 5.34 5.47 5.21
CA LEU B 58 4.96 4.26 5.93
C LEU B 58 3.93 4.54 7.00
N LEU B 59 4.05 5.68 7.70
CA LEU B 59 3.07 6.01 8.72
C LEU B 59 1.72 6.43 8.12
N ARG B 60 1.71 6.90 6.88
CA ARG B 60 0.43 7.18 6.23
C ARG B 60 -0.19 5.91 5.67
N THR B 61 0.53 5.20 4.80
CA THR B 61 -0.06 4.13 4.01
C THR B 61 -0.12 2.78 4.74
N ALA B 62 -0.06 2.75 6.07
CA ALA B 62 -0.25 1.53 6.82
C ALA B 62 -1.48 1.65 7.70
N ALA B 63 -2.13 0.51 7.96
CA ALA B 63 -3.34 0.50 8.77
C ALA B 63 -3.04 0.25 10.24
N TRP B 64 -2.44 -0.89 10.55
CA TRP B 64 -2.17 -1.30 11.91
C TRP B 64 -0.70 -1.09 12.22
N LYS B 65 -0.41 -0.25 13.23
CA LYS B 65 0.94 0.12 13.60
C LYS B 65 1.18 -0.19 15.08
N ARG B 66 2.42 -0.56 15.40
CA ARG B 66 2.75 -0.94 16.78
C ARG B 66 4.23 -0.73 17.01
N GLY B 67 4.59 0.14 17.95
CA GLY B 67 5.98 0.27 18.34
C GLY B 67 6.34 1.67 18.77
N THR B 68 7.63 1.88 18.99
CA THR B 68 8.16 3.13 19.52
C THR B 68 8.52 4.08 18.40
N VAL B 69 8.16 5.36 18.56
CA VAL B 69 8.43 6.41 17.59
C VAL B 69 9.22 7.51 18.29
N HIS B 70 10.36 7.87 17.70
CA HIS B 70 11.21 8.95 18.20
C HIS B 70 10.95 10.22 17.40
N VAL B 71 10.70 11.32 18.10
CA VAL B 71 10.43 12.61 17.49
C VAL B 71 11.55 13.57 17.86
N GLN B 72 11.96 14.39 16.89
CA GLN B 72 12.93 15.45 17.11
C GLN B 72 12.37 16.73 16.53
N VAL B 73 12.29 17.77 17.34
CA VAL B 73 11.72 19.06 16.95
C VAL B 73 12.85 20.09 16.95
N VAL B 74 12.96 20.83 15.85
CA VAL B 74 14.00 21.84 15.67
C VAL B 74 13.31 23.17 15.40
N LEU B 75 13.53 24.15 16.28
CA LEU B 75 12.97 25.49 16.13
C LEU B 75 14.08 26.43 15.71
N ALA B 76 13.83 27.21 14.65
CA ALA B 76 14.79 28.15 14.12
C ALA B 76 14.22 29.56 14.17
N GLY B 77 15.10 30.53 14.44
CA GLY B 77 14.71 31.91 14.56
C GLY B 77 15.33 32.80 13.50
N ALA B 78 15.02 34.08 13.60
CA ALA B 78 15.55 35.09 12.70
C ALA B 78 16.87 35.62 13.25
N SER B 79 17.38 36.68 12.63
CA SER B 79 18.65 37.29 13.03
C SER B 79 18.33 38.51 13.89
N VAL B 80 18.19 38.28 15.20
CA VAL B 80 17.94 39.33 16.16
C VAL B 80 18.97 39.21 17.27
N LYS B 81 19.21 40.31 17.98
CA LYS B 81 20.22 40.36 19.02
C LYS B 81 19.79 39.53 20.22
N ARG B 82 20.79 39.04 20.97
CA ARG B 82 20.53 38.14 22.08
C ARG B 82 19.93 38.86 23.28
N SER B 83 20.07 40.18 23.36
CA SER B 83 19.49 40.95 24.45
C SER B 83 18.06 41.39 24.18
N ASP B 84 17.46 40.95 23.07
CA ASP B 84 16.10 41.34 22.70
C ASP B 84 15.19 40.14 22.46
N TRP B 85 15.64 38.93 22.77
CA TRP B 85 14.85 37.73 22.53
C TRP B 85 13.77 37.61 23.59
N ASP B 86 12.51 37.53 23.16
CA ASP B 86 11.38 37.44 24.07
C ASP B 86 10.32 36.45 23.59
N SER B 87 10.74 35.41 22.87
CA SER B 87 9.81 34.44 22.31
C SER B 87 9.84 33.14 23.11
N THR B 88 8.67 32.64 23.48
CA THR B 88 8.54 31.41 24.25
C THR B 88 7.64 30.45 23.51
N VAL B 89 8.02 29.18 23.49
CA VAL B 89 7.31 28.15 22.74
C VAL B 89 6.79 27.10 23.71
N GLN B 90 5.49 26.84 23.66
CA GLN B 90 4.86 25.80 24.47
C GLN B 90 4.44 24.65 23.56
N ILE B 91 4.86 23.43 23.92
CA ILE B 91 4.62 22.25 23.11
C ILE B 91 3.79 21.27 23.94
N PHE B 92 2.70 20.77 23.35
CA PHE B 92 1.82 19.84 24.03
C PHE B 92 1.70 18.57 23.17
N LEU B 93 2.11 17.44 23.73
CA LEU B 93 1.87 16.14 23.11
C LEU B 93 0.56 15.61 23.66
N ARG B 94 -0.45 15.52 22.80
CA ARG B 94 -1.79 15.09 23.17
C ARG B 94 -2.18 13.85 22.37
N GLN B 95 -3.33 13.29 22.73
CA GLN B 95 -3.88 12.14 22.02
C GLN B 95 -5.20 12.46 21.33
N SER B 96 -5.80 13.61 21.61
CA SER B 96 -7.00 14.04 20.91
C SER B 96 -7.07 15.56 20.95
N MET B 97 -7.81 16.12 19.98
CA MET B 97 -8.01 17.55 19.90
C MET B 97 -9.32 17.98 20.53
N ALA B 98 -10.02 17.09 21.21
CA ALA B 98 -11.23 17.46 21.92
C ALA B 98 -10.88 18.21 23.19
N THR B 99 -11.81 19.06 23.64
CA THR B 99 -11.57 19.86 24.83
C THR B 99 -11.63 19.04 26.12
N SER B 100 -12.32 17.90 26.09
CA SER B 100 -12.46 17.06 27.28
C SER B 100 -11.22 16.23 27.57
N SER B 101 -10.29 16.13 26.64
CA SER B 101 -9.11 15.31 26.82
C SER B 101 -8.03 16.09 27.57
N TYR B 102 -6.92 15.41 27.86
CA TYR B 102 -5.81 15.99 28.62
C TYR B 102 -4.51 15.77 27.86
N ASP B 103 -3.56 16.68 28.09
CA ASP B 103 -2.28 16.60 27.42
C ASP B 103 -1.42 15.50 28.04
N ALA B 104 -0.75 14.73 27.18
CA ALA B 104 0.08 13.64 27.68
C ALA B 104 1.46 14.13 28.10
N LYS B 105 2.07 15.04 27.34
CA LYS B 105 3.35 15.61 27.72
C LYS B 105 3.34 17.11 27.48
N ILE B 106 4.07 17.83 28.32
CA ILE B 106 4.14 19.29 28.29
C ILE B 106 5.59 19.72 28.28
N TRP B 107 5.97 20.55 27.30
CA TRP B 107 7.25 21.23 27.29
C TRP B 107 7.02 22.74 27.16
N ASP B 108 7.96 23.51 27.69
CA ASP B 108 7.88 24.97 27.59
C ASP B 108 9.32 25.49 27.55
N ILE B 109 9.75 25.95 26.38
CA ILE B 109 11.14 26.33 26.19
C ILE B 109 11.23 27.77 25.69
N CYS B 110 12.34 28.41 26.03
CA CYS B 110 12.65 29.77 25.58
C CYS B 110 14.18 29.85 25.42
N GLN B 111 14.64 29.61 24.20
CA GLN B 111 16.05 29.65 23.88
C GLN B 111 16.29 30.62 22.74
N PRO B 112 17.21 31.56 22.88
CA PRO B 112 17.44 32.54 21.81
C PRO B 112 18.15 31.92 20.62
N GLY B 113 17.78 32.41 19.44
CA GLY B 113 18.37 31.93 18.21
C GLY B 113 17.74 30.67 17.65
N ALA B 114 18.06 29.53 18.25
CA ALA B 114 17.56 28.25 17.77
C ALA B 114 17.56 27.25 18.91
N ALA B 115 16.62 26.32 18.85
CA ALA B 115 16.47 25.31 19.90
C ALA B 115 16.20 23.96 19.26
N MET B 116 16.54 22.91 20.00
CA MET B 116 16.33 21.54 19.56
C MET B 116 15.89 20.69 20.74
N LEU B 117 14.87 19.87 20.54
CA LEU B 117 14.42 18.95 21.57
C LEU B 117 14.06 17.62 20.93
N GLU B 118 13.97 16.59 21.76
CA GLU B 118 13.66 15.26 21.26
C GLU B 118 12.96 14.46 22.35
N PHE B 119 12.09 13.55 21.92
CA PHE B 119 11.35 12.68 22.83
C PHE B 119 10.93 11.44 22.05
N SER B 120 10.12 10.59 22.70
CA SER B 120 9.63 9.39 22.05
C SER B 120 8.33 8.97 22.71
N PHE B 121 7.52 8.23 21.96
CA PHE B 121 6.27 7.69 22.50
C PHE B 121 6.07 6.30 21.93
N ASP B 122 5.01 5.63 22.38
CA ASP B 122 4.70 4.27 21.97
C ASP B 122 3.30 4.22 21.37
N VAL B 123 3.22 3.70 20.15
CA VAL B 123 1.94 3.41 19.50
C VAL B 123 1.58 1.98 19.87
N VAL B 124 0.68 1.84 20.84
CA VAL B 124 0.10 0.57 21.24
C VAL B 124 -1.39 0.65 20.97
N GLY B 125 -2.03 -0.51 20.83
CA GLY B 125 -3.41 -0.56 20.43
C GLY B 125 -4.18 -1.72 21.01
N PRO B 126 -5.46 -1.82 20.66
CA PRO B 126 -6.32 -2.83 21.29
C PRO B 126 -6.37 -4.17 20.55
N ASN B 127 -5.90 -4.21 19.30
CA ASN B 127 -6.08 -5.42 18.49
C ASN B 127 -5.15 -6.53 18.95
N SER B 128 -3.85 -6.34 18.78
CA SER B 128 -2.84 -7.17 19.42
C SER B 128 -1.67 -6.29 19.81
N GLY B 129 -1.96 -5.10 20.31
CA GLY B 129 -1.00 -4.04 20.37
C GLY B 129 -1.03 -3.11 19.17
N PHE B 130 -1.74 -3.48 18.11
CA PHE B 130 -1.82 -2.68 16.91
C PHE B 130 -2.96 -1.67 16.99
N GLU B 131 -2.72 -0.48 16.46
CA GLU B 131 -3.67 0.62 16.52
C GLU B 131 -3.89 1.20 15.14
N MET B 132 -5.15 1.34 14.74
CA MET B 132 -5.48 2.00 13.49
C MET B 132 -5.78 3.46 13.73
N TRP B 133 -5.54 4.28 12.71
CA TRP B 133 -5.66 5.73 12.84
C TRP B 133 -7.12 6.14 12.86
N ASP B 134 -7.56 6.72 13.98
CA ASP B 134 -8.85 7.40 14.13
C ASP B 134 -10.04 6.49 13.85
N SER B 135 -9.93 5.21 14.22
CA SER B 135 -11.01 4.29 13.95
C SER B 135 -12.08 4.40 15.02
N ASN B 136 -13.30 4.04 14.64
CA ASN B 136 -14.42 3.96 15.57
C ASN B 136 -14.60 2.57 16.14
N TRP B 137 -13.61 1.69 16.00
CA TRP B 137 -13.78 0.31 16.45
C TRP B 137 -13.68 0.20 17.96
N ALA B 138 -12.56 0.64 18.54
CA ALA B 138 -12.40 0.66 19.98
C ALA B 138 -12.26 2.09 20.51
N SER B 139 -12.81 3.05 19.76
CA SER B 139 -12.67 4.49 19.99
C SER B 139 -11.19 4.89 20.08
N GLN B 140 -10.42 4.44 19.10
CA GLN B 140 -9.00 4.75 19.03
C GLN B 140 -8.79 6.18 18.55
N THR B 141 -7.58 6.68 18.75
CA THR B 141 -7.22 8.04 18.41
C THR B 141 -5.79 8.08 17.90
N SER B 142 -5.38 9.27 17.47
CA SER B 142 -4.04 9.49 16.93
C SER B 142 -3.16 10.17 17.98
N TRP B 143 -1.98 10.59 17.56
CA TRP B 143 -1.08 11.38 18.39
C TRP B 143 -0.91 12.76 17.78
N PHE B 144 -1.15 13.79 18.57
CA PHE B 144 -1.11 15.17 18.10
C PHE B 144 0.00 15.94 18.81
N LEU B 145 0.62 16.86 18.09
CA LEU B 145 1.65 17.74 18.64
C LEU B 145 1.23 19.18 18.39
N GLU B 146 0.92 19.90 19.47
CA GLU B 146 0.41 21.26 19.39
C GLU B 146 1.50 22.25 19.78
N PHE B 147 1.68 23.28 18.97
CA PHE B 147 2.67 24.31 19.20
C PHE B 147 1.97 25.64 19.43
N LEU B 148 2.35 26.33 20.50
CA LEU B 148 1.84 27.65 20.83
C LEU B 148 3.03 28.60 20.91
N ILE B 149 2.97 29.67 20.12
CA ILE B 149 4.07 30.62 19.97
C ILE B 149 3.66 31.94 20.60
N SER B 150 4.54 32.50 21.44
CA SER B 150 4.27 33.77 22.09
C SER B 150 4.66 34.96 21.23
N ASN B 151 5.76 34.86 20.48
CA ASN B 151 6.21 35.93 19.59
C ASN B 151 6.64 35.29 18.28
N PRO B 152 5.73 35.20 17.31
CA PRO B 152 6.06 34.56 16.03
C PRO B 152 6.90 35.43 15.10
N ALA B 153 7.21 36.66 15.48
CA ALA B 153 8.08 37.52 14.68
C ALA B 153 9.56 37.27 14.96
N GLN B 154 9.90 36.32 15.83
CA GLN B 154 11.28 35.98 16.13
C GLN B 154 11.65 34.58 15.64
N ASN B 155 10.91 33.56 16.06
CA ASN B 155 11.15 32.20 15.58
C ASN B 155 10.18 31.91 14.44
N THR B 156 10.72 31.43 13.31
CA THR B 156 9.95 31.31 12.09
C THR B 156 9.85 29.88 11.59
N LEU B 157 10.96 29.17 11.51
CA LEU B 157 10.97 27.83 10.95
C LEU B 157 10.71 26.79 12.03
N PHE B 158 9.90 25.78 11.68
CA PHE B 158 9.59 24.67 12.57
C PHE B 158 9.76 23.39 11.78
N GLU B 159 10.61 22.50 12.28
CA GLU B 159 10.91 21.25 11.60
C GLU B 159 10.62 20.09 12.54
N VAL B 160 9.82 19.14 12.07
CA VAL B 160 9.51 17.93 12.82
C VAL B 160 10.12 16.75 12.08
N ASN B 161 10.92 15.96 12.79
CA ASN B 161 11.59 14.80 12.22
C ASN B 161 11.15 13.56 12.98
N LEU B 162 11.13 12.44 12.28
CA LEU B 162 10.68 11.17 12.86
C LEU B 162 11.68 10.07 12.55
N ARG B 163 11.71 9.06 13.41
CA ARG B 163 12.53 7.87 13.21
C ARG B 163 11.86 6.71 13.92
N LEU B 164 11.61 5.63 13.18
CA LEU B 164 10.98 4.46 13.76
C LEU B 164 12.02 3.58 14.45
N ASP B 165 11.60 2.95 15.54
CA ASP B 165 12.50 2.12 16.33
C ASP B 165 12.64 0.74 15.68
N GLU B 166 13.42 -0.13 16.31
CA GLU B 166 13.67 -1.47 15.81
C GLU B 166 12.61 -2.47 16.26
N ASN B 167 11.65 -2.06 17.09
CA ASN B 167 10.55 -2.91 17.48
C ASN B 167 9.25 -2.51 16.81
N PHE B 168 9.31 -1.67 15.77
CA PHE B 168 8.12 -1.22 15.08
C PHE B 168 7.61 -2.29 14.13
N SER B 169 6.29 -2.33 13.97
CA SER B 169 5.63 -3.31 13.11
C SER B 169 4.40 -2.68 12.49
N VAL B 170 4.10 -3.11 11.27
CA VAL B 170 2.94 -2.63 10.51
C VAL B 170 2.26 -3.82 9.87
N ALA B 171 0.96 -3.66 9.62
CA ALA B 171 0.17 -4.68 8.96
C ALA B 171 -1.02 -4.01 8.28
N GLY B 172 -1.37 -4.48 7.10
CA GLY B 172 -2.49 -3.95 6.36
C GLY B 172 -2.12 -2.70 5.57
N THR B 173 -2.95 -2.41 4.56
CA THR B 173 -2.74 -1.29 3.67
C THR B 173 -3.97 -0.37 3.71
N THR B 174 -3.73 0.92 3.52
CA THR B 174 -4.79 1.92 3.53
C THR B 174 -4.75 2.70 2.22
N LEU B 175 -5.87 2.75 1.52
CA LEU B 175 -5.96 3.49 0.27
C LEU B 175 -6.06 4.98 0.54
N MET B 176 -5.30 5.77 -0.20
CA MET B 176 -5.18 7.20 0.02
C MET B 176 -5.09 7.90 -1.33
N PRO B 177 -5.42 9.19 -1.38
CA PRO B 177 -5.16 9.97 -2.58
C PRO B 177 -3.67 10.08 -2.87
N PRO B 178 -3.28 10.33 -4.12
CA PRO B 178 -1.85 10.42 -4.44
C PRO B 178 -1.21 11.66 -3.82
N PHE B 179 0.05 11.49 -3.41
CA PHE B 179 0.74 12.52 -2.66
C PHE B 179 1.31 13.56 -3.62
N VAL B 180 0.96 14.82 -3.41
CA VAL B 180 1.41 15.91 -4.26
C VAL B 180 2.88 16.21 -3.94
N LEU B 181 3.72 16.25 -4.97
CA LEU B 181 5.14 16.49 -4.80
C LEU B 181 5.39 17.95 -4.43
N ASP B 182 6.60 18.19 -3.91
CA ASP B 182 7.02 19.54 -3.54
C ASP B 182 8.53 19.67 -3.67
#